data_1W7G
#
_entry.id   1W7G
#
_cell.length_a   70.510
_cell.length_b   71.343
_cell.length_c   72.555
_cell.angle_alpha   90.00
_cell.angle_beta   100.59
_cell.angle_gamma   90.00
#
_symmetry.space_group_name_H-M   'C 1 2 1'
#
loop_
_entity.id
_entity.type
_entity.pdbx_description
1 polymer THROMBIN
2 polymer 'HIRUDIN I'
3 polymer THROMBIN
4 non-polymer N-{(1S)-1-{[4-(3-AMINOPROPYL)PIPERAZIN-1-YL]CARBONYL}-4-[(DIAMINOMETHYLENE)AMINO]BUTYL}-3-(TRIFLUOROMETHYL)BENZENESULFONAMIDE
5 water water
#
loop_
_entity_poly.entity_id
_entity_poly.type
_entity_poly.pdbx_seq_one_letter_code
_entity_poly.pdbx_strand_id
1 'polypeptide(L)'
;IVEGSDAEIGMSPWQVMLFRKSPQELLCGASLISDRWVLTAAHCLLYPPWDKNFTENDLLVRIGKHSRTRYERNIEKISM
LEKIYIHPRYNWRENLDRDIALMKLKKPVAFSDYIHPVCLPDRETAASLLQAGYKGRVTGWGNLKETWTANVGKGQPSVL
QVVNLPIVERPVCKDSTRIRITDNMFCAGYKPDEGKRGDACEGDSGGPFVMKSPFNNRWYQMGIVSWGEGCDRDGKYGFY
THVFRLKKWIQKVIDQFGE
;
H
2 'polypeptide(L)' NEDFEEIPEEYL I
3 'polypeptide(L)' TFGSGEADCGLRPLFEKKSLEDKTERELLESYIDGR L
#
# COMPACT_ATOMS: atom_id res chain seq x y z
N ILE A 1 -6.36 -3.82 -8.55
CA ILE A 1 -6.00 -2.59 -9.33
C ILE A 1 -6.75 -2.58 -10.65
N VAL A 2 -7.42 -1.46 -10.93
CA VAL A 2 -8.18 -1.33 -12.18
C VAL A 2 -7.40 -0.50 -13.18
N GLU A 3 -7.37 -0.95 -14.42
CA GLU A 3 -6.67 -0.25 -15.49
C GLU A 3 -5.17 -0.10 -15.24
N GLY A 4 -4.56 -1.12 -14.65
CA GLY A 4 -3.14 -1.08 -14.38
C GLY A 4 -2.42 -2.07 -15.28
N SER A 5 -1.23 -2.49 -14.88
CA SER A 5 -0.47 -3.46 -15.67
C SER A 5 0.31 -4.39 -14.75
N ASP A 6 0.88 -5.45 -15.33
CA ASP A 6 1.66 -6.41 -14.57
C ASP A 6 2.92 -5.75 -14.05
N ALA A 7 3.23 -5.97 -12.77
CA ALA A 7 4.42 -5.40 -12.18
C ALA A 7 5.62 -6.20 -12.70
N GLU A 8 6.79 -5.58 -12.71
CA GLU A 8 8.01 -6.25 -13.14
C GLU A 8 8.56 -6.99 -11.92
N ILE A 9 9.39 -7.99 -12.14
CA ILE A 9 9.97 -8.74 -11.02
C ILE A 9 10.80 -7.80 -10.15
N GLY A 10 10.52 -7.82 -8.85
CA GLY A 10 11.25 -6.98 -7.91
C GLY A 10 10.95 -5.50 -7.99
N MET A 11 9.87 -5.15 -8.69
CA MET A 11 9.49 -3.74 -8.86
C MET A 11 9.01 -3.09 -7.57
N SER A 12 8.39 -3.87 -6.70
CA SER A 12 7.86 -3.37 -5.46
C SER A 12 8.21 -4.39 -4.37
N PRO A 13 9.51 -4.50 -4.04
CA PRO A 13 10.00 -5.45 -3.03
C PRO A 13 9.49 -5.24 -1.61
N TRP A 14 8.80 -4.12 -1.38
CA TRP A 14 8.24 -3.84 -0.07
C TRP A 14 6.77 -4.27 0.00
N GLN A 15 6.25 -4.76 -1.13
CA GLN A 15 4.85 -5.18 -1.18
C GLN A 15 4.63 -6.38 -0.26
N VAL A 16 3.58 -6.31 0.54
CA VAL A 16 3.24 -7.38 1.45
C VAL A 16 1.80 -7.82 1.22
N MET A 17 1.55 -9.12 1.31
CA MET A 17 0.21 -9.65 1.17
C MET A 17 -0.25 -10.10 2.55
N LEU A 18 -1.38 -9.58 3.01
CA LEU A 18 -1.94 -10.01 4.29
C LEU A 18 -2.81 -11.18 3.86
N PHE A 19 -2.49 -12.35 4.39
CA PHE A 19 -3.19 -13.57 4.02
C PHE A 19 -3.95 -14.17 5.21
N ARG A 20 -5.23 -14.47 4.98
CA ARG A 20 -6.08 -15.04 6.02
C ARG A 20 -5.79 -16.54 6.09
N LYS A 21 -5.65 -17.06 7.31
CA LYS A 21 -5.34 -18.48 7.50
C LYS A 21 -6.46 -19.41 7.05
N SER A 22 -7.68 -19.13 7.48
CA SER A 22 -8.81 -19.97 7.10
C SER A 22 -10.13 -19.20 7.10
N PRO A 23 -10.80 -19.15 5.93
CA PRO A 23 -10.34 -19.78 4.68
C PRO A 23 -9.13 -19.07 4.09
N GLN A 24 -8.28 -19.83 3.41
CA GLN A 24 -7.08 -19.25 2.79
C GLN A 24 -7.46 -18.28 1.68
N GLU A 25 -7.25 -16.99 1.92
CA GLU A 25 -7.57 -15.98 0.93
C GLU A 25 -6.85 -14.67 1.20
N LEU A 26 -6.77 -13.83 0.18
CA LEU A 26 -6.12 -12.54 0.33
C LEU A 26 -7.08 -11.64 1.07
N LEU A 27 -6.58 -10.89 2.05
CA LEU A 27 -7.46 -10.01 2.77
C LEU A 27 -7.09 -8.54 2.59
N CYS A 28 -5.83 -8.28 2.27
CA CYS A 28 -5.39 -6.90 2.09
C CYS A 28 -3.94 -6.80 1.65
N GLY A 29 -3.55 -5.58 1.31
CA GLY A 29 -2.18 -5.32 0.93
C GLY A 29 -1.54 -4.71 2.17
N ALA A 30 -0.22 -4.52 2.12
CA ALA A 30 0.52 -3.93 3.23
C ALA A 30 1.91 -3.64 2.69
N SER A 31 2.79 -3.11 3.55
CA SER A 31 4.13 -2.78 3.11
C SER A 31 5.17 -3.04 4.18
N LEU A 32 6.38 -3.37 3.74
CA LEU A 32 7.47 -3.67 4.65
C LEU A 32 8.31 -2.41 4.89
N ILE A 33 8.37 -1.95 6.13
CA ILE A 33 9.15 -0.76 6.45
C ILE A 33 10.44 -1.04 7.23
N SER A 34 10.63 -2.30 7.65
CA SER A 34 11.84 -2.71 8.36
C SER A 34 11.84 -4.24 8.40
N ASP A 35 12.87 -4.84 8.99
CA ASP A 35 12.91 -6.29 9.02
C ASP A 35 11.87 -6.93 9.94
N ARG A 36 11.18 -6.12 10.74
CA ARG A 36 10.17 -6.68 11.63
C ARG A 36 8.85 -5.92 11.69
N TRP A 37 8.74 -4.82 10.95
CA TRP A 37 7.50 -4.05 10.96
C TRP A 37 6.84 -3.93 9.59
N VAL A 38 5.52 -4.11 9.60
CA VAL A 38 4.69 -4.04 8.41
C VAL A 38 3.60 -3.00 8.64
N LEU A 39 3.41 -2.13 7.65
CA LEU A 39 2.42 -1.07 7.71
C LEU A 39 1.21 -1.41 6.84
N THR A 40 0.01 -1.11 7.33
CA THR A 40 -1.20 -1.38 6.56
C THR A 40 -2.32 -0.42 6.99
N ALA A 41 -3.51 -0.62 6.46
CA ALA A 41 -4.65 0.22 6.81
C ALA A 41 -5.35 -0.42 7.99
N ALA A 42 -5.82 0.41 8.92
CA ALA A 42 -6.52 -0.10 10.09
C ALA A 42 -7.80 -0.85 9.71
N HIS A 43 -8.48 -0.40 8.65
CA HIS A 43 -9.72 -1.05 8.25
C HIS A 43 -9.52 -2.47 7.74
N CYS A 44 -8.27 -2.84 7.45
CA CYS A 44 -7.96 -4.19 7.00
C CYS A 44 -8.07 -5.15 8.16
N LEU A 45 -7.85 -4.62 9.37
CA LEU A 45 -7.87 -5.44 10.58
C LEU A 45 -9.11 -5.21 11.43
N LEU A 46 -9.60 -3.98 11.44
CA LEU A 46 -10.76 -3.64 12.27
C LEU A 46 -11.81 -2.82 11.56
N TYR A 47 -13.00 -3.40 11.39
CA TYR A 47 -14.10 -2.69 10.76
C TYR A 47 -15.42 -3.29 11.27
N PRO A 48 -15.85 -2.85 12.46
CA PRO A 48 -17.09 -3.32 13.11
C PRO A 48 -18.35 -3.37 12.23
N PRO A 49 -18.56 -2.38 11.35
CA PRO A 49 -19.74 -2.39 10.49
C PRO A 49 -19.96 -3.69 9.74
N TRP A 50 -18.86 -4.35 9.38
CA TRP A 50 -18.93 -5.62 8.65
C TRP A 50 -18.45 -6.81 9.48
N ASP A 51 -18.43 -6.63 10.79
CA ASP A 51 -18.00 -7.70 11.70
C ASP A 51 -16.57 -8.15 11.45
N LYS A 52 -15.70 -7.21 11.15
CA LYS A 52 -14.30 -7.51 10.91
C LYS A 52 -13.47 -7.08 12.13
N ASN A 53 -12.78 -8.03 12.73
CA ASN A 53 -11.95 -7.75 13.90
C ASN A 53 -10.91 -8.85 14.01
N PHE A 54 -10.00 -8.89 13.04
CA PHE A 54 -8.95 -9.91 13.01
C PHE A 54 -7.97 -9.77 14.16
N THR A 55 -7.44 -10.90 14.61
CA THR A 55 -6.47 -10.91 15.69
C THR A 55 -5.17 -11.44 15.08
N GLU A 56 -4.07 -11.22 15.79
CA GLU A 56 -2.76 -11.65 15.33
C GLU A 56 -2.69 -13.09 14.82
N ASN A 57 -3.40 -14.00 15.48
CA ASN A 57 -3.39 -15.40 15.09
C ASN A 57 -4.25 -15.77 13.88
N ASP A 58 -5.04 -14.82 13.38
CA ASP A 58 -5.91 -15.09 12.23
C ASP A 58 -5.22 -14.87 10.89
N LEU A 59 -4.12 -14.13 10.89
CA LEU A 59 -3.44 -13.81 9.63
C LEU A 59 -1.98 -14.24 9.53
N LEU A 60 -1.47 -14.09 8.32
CA LEU A 60 -0.09 -14.39 7.97
C LEU A 60 0.36 -13.26 7.07
N VAL A 61 1.66 -13.02 7.02
CA VAL A 61 2.22 -11.98 6.16
C VAL A 61 3.08 -12.70 5.13
N ARG A 62 2.83 -12.45 3.85
CA ARG A 62 3.59 -13.07 2.77
C ARG A 62 4.34 -11.95 2.05
N ILE A 63 5.66 -12.05 2.09
CA ILE A 63 6.54 -11.03 1.52
C ILE A 63 7.37 -11.57 0.36
N GLY A 64 7.66 -10.69 -0.61
CA GLY A 64 8.46 -11.07 -1.76
C GLY A 64 7.67 -11.74 -2.87
N LYS A 65 6.35 -11.61 -2.84
CA LYS A 65 5.50 -12.23 -3.84
C LYS A 65 5.32 -11.46 -5.14
N HIS A 66 4.93 -12.21 -6.17
CA HIS A 66 4.66 -11.69 -7.49
C HIS A 66 3.35 -12.34 -7.92
N SER A 67 3.33 -13.68 -7.91
CA SER A 67 2.11 -14.39 -8.26
C SER A 67 1.12 -14.18 -7.12
N ARG A 68 -0.16 -14.07 -7.46
CA ARG A 68 -1.19 -13.86 -6.45
C ARG A 68 -1.57 -15.12 -5.69
N THR A 69 -1.84 -16.19 -6.44
CA THR A 69 -2.28 -17.46 -5.87
C THR A 69 -1.23 -18.52 -5.56
N ARG A 70 -0.15 -18.56 -6.34
CA ARG A 70 0.86 -19.59 -6.12
C ARG A 70 1.77 -19.39 -4.91
N TYR A 71 2.31 -20.50 -4.41
CA TYR A 71 3.24 -20.44 -3.30
C TYR A 71 4.61 -20.37 -3.99
N GLU A 72 5.21 -19.19 -3.93
CA GLU A 72 6.49 -18.96 -4.57
C GLU A 72 7.66 -19.40 -3.70
N ARG A 73 7.77 -20.71 -3.58
CA ARG A 73 8.78 -21.41 -2.78
C ARG A 73 10.06 -20.67 -2.38
N ASN A 74 11.11 -20.80 -3.17
CA ASN A 74 12.40 -20.17 -2.85
C ASN A 74 12.46 -18.66 -3.02
N ILE A 75 11.32 -18.00 -2.99
CA ILE A 75 11.34 -16.56 -3.15
C ILE A 75 10.55 -15.81 -2.09
N GLU A 76 9.27 -16.14 -1.92
CA GLU A 76 8.50 -15.45 -0.89
C GLU A 76 8.84 -15.96 0.50
N LYS A 77 8.53 -15.14 1.50
CA LYS A 77 8.76 -15.52 2.89
C LYS A 77 7.46 -15.28 3.64
N ILE A 78 7.00 -16.29 4.36
CA ILE A 78 5.77 -16.18 5.13
C ILE A 78 6.11 -15.92 6.60
N SER A 79 5.55 -14.86 7.15
CA SER A 79 5.82 -14.47 8.53
C SER A 79 4.59 -14.46 9.43
N MET A 80 4.80 -14.81 10.71
CA MET A 80 3.70 -14.82 11.67
C MET A 80 3.70 -13.48 12.41
N LEU A 81 2.54 -13.07 12.90
CA LEU A 81 2.41 -11.80 13.59
C LEU A 81 2.55 -11.91 15.11
N GLU A 82 3.33 -11.00 15.68
CA GLU A 82 3.55 -10.98 17.12
C GLU A 82 2.51 -10.08 17.78
N LYS A 83 2.30 -8.90 17.21
CA LYS A 83 1.34 -7.96 17.77
C LYS A 83 0.84 -6.99 16.70
N ILE A 84 -0.42 -6.60 16.84
CA ILE A 84 -1.05 -5.65 15.93
C ILE A 84 -1.29 -4.36 16.71
N TYR A 85 -1.01 -3.22 16.08
CA TYR A 85 -1.23 -1.93 16.72
C TYR A 85 -2.08 -1.06 15.79
N ILE A 86 -3.27 -0.72 16.24
CA ILE A 86 -4.17 0.12 15.46
C ILE A 86 -4.12 1.52 16.04
N HIS A 87 -4.18 2.53 15.17
CA HIS A 87 -4.13 3.90 15.67
C HIS A 87 -5.30 4.09 16.64
N PRO A 88 -5.01 4.65 17.83
CA PRO A 88 -6.00 4.91 18.89
C PRO A 88 -7.18 5.74 18.45
N ARG A 89 -6.96 6.63 17.48
CA ARG A 89 -8.02 7.51 17.02
C ARG A 89 -8.55 7.19 15.63
N TYR A 90 -8.39 5.94 15.21
CA TYR A 90 -8.88 5.48 13.91
C TYR A 90 -10.40 5.63 13.94
N ASN A 91 -10.94 6.40 13.01
CA ASN A 91 -12.38 6.67 12.96
C ASN A 91 -13.18 5.77 12.02
N TRP A 92 -13.40 4.53 12.41
CA TRP A 92 -14.16 3.60 11.58
C TRP A 92 -15.65 3.93 11.61
N ARG A 93 -16.05 4.69 12.63
CA ARG A 93 -17.46 5.07 12.77
C ARG A 93 -17.92 6.08 11.73
N GLU A 94 -17.00 6.92 11.26
CA GLU A 94 -17.38 7.94 10.30
C GLU A 94 -16.77 7.88 8.91
N ASN A 95 -15.55 8.40 8.80
CA ASN A 95 -14.86 8.51 7.52
C ASN A 95 -13.52 7.79 7.38
N LEU A 96 -13.23 6.88 8.30
CA LEU A 96 -11.96 6.14 8.27
C LEU A 96 -10.75 7.05 8.44
N ASP A 97 -10.92 8.12 9.20
CA ASP A 97 -9.84 9.06 9.48
C ASP A 97 -8.76 8.30 10.26
N ARG A 98 -7.49 8.59 9.97
CA ARG A 98 -6.37 7.94 10.63
C ARG A 98 -6.41 6.42 10.42
N ASP A 99 -6.64 6.03 9.17
CA ASP A 99 -6.73 4.62 8.76
C ASP A 99 -5.33 4.05 8.66
N ILE A 100 -4.75 3.70 9.81
CA ILE A 100 -3.39 3.18 9.79
C ILE A 100 -3.18 2.14 10.90
N ALA A 101 -2.33 1.16 10.62
CA ALA A 101 -2.03 0.12 11.58
C ALA A 101 -0.64 -0.44 11.32
N LEU A 102 -0.03 -0.93 12.38
CA LEU A 102 1.31 -1.52 12.31
C LEU A 102 1.22 -2.96 12.80
N MET A 103 2.07 -3.80 12.24
CA MET A 103 2.10 -5.21 12.63
C MET A 103 3.55 -5.58 12.86
N LYS A 104 3.85 -6.14 14.03
CA LYS A 104 5.21 -6.55 14.33
C LYS A 104 5.32 -8.04 14.06
N LEU A 105 6.34 -8.45 13.33
CA LEU A 105 6.56 -9.85 12.99
C LEU A 105 7.22 -10.58 14.15
N LYS A 106 6.98 -11.88 14.26
CA LYS A 106 7.57 -12.68 15.33
C LYS A 106 9.08 -12.80 15.17
N LYS A 107 9.54 -12.82 13.92
CA LYS A 107 10.97 -12.94 13.62
C LYS A 107 11.31 -12.01 12.47
N PRO A 108 12.53 -11.45 12.48
CA PRO A 108 12.94 -10.54 11.40
C PRO A 108 13.03 -11.29 10.08
N VAL A 109 12.61 -10.65 9.00
CA VAL A 109 12.68 -11.28 7.69
C VAL A 109 13.99 -10.90 7.02
N ALA A 110 14.59 -11.86 6.31
CA ALA A 110 15.84 -11.61 5.63
C ALA A 110 15.55 -10.92 4.30
N PHE A 111 16.28 -9.85 4.01
CA PHE A 111 16.07 -9.13 2.77
C PHE A 111 16.72 -9.91 1.63
N SER A 112 16.19 -9.72 0.43
CA SER A 112 16.70 -10.40 -0.76
C SER A 112 16.42 -9.50 -1.95
N ASP A 113 16.58 -10.04 -3.16
CA ASP A 113 16.31 -9.28 -4.36
C ASP A 113 14.81 -8.95 -4.46
N TYR A 114 13.98 -9.75 -3.81
CA TYR A 114 12.54 -9.58 -3.87
C TYR A 114 11.90 -9.04 -2.60
N ILE A 115 12.71 -8.85 -1.56
CA ILE A 115 12.24 -8.38 -0.27
C ILE A 115 13.13 -7.24 0.21
N HIS A 116 12.56 -6.04 0.29
CA HIS A 116 13.32 -4.86 0.71
C HIS A 116 12.36 -3.78 1.21
N PRO A 117 12.72 -3.10 2.32
CA PRO A 117 11.85 -2.06 2.87
C PRO A 117 11.78 -0.75 2.11
N VAL A 118 10.63 -0.09 2.21
CA VAL A 118 10.42 1.20 1.56
C VAL A 118 10.72 2.24 2.63
N CYS A 119 11.00 3.47 2.21
CA CYS A 119 11.28 4.53 3.17
C CYS A 119 10.02 5.23 3.61
N LEU A 120 10.07 5.84 4.80
CA LEU A 120 8.93 6.61 5.26
C LEU A 120 9.38 8.06 5.12
N PRO A 121 8.45 8.93 4.69
CA PRO A 121 8.71 10.35 4.49
C PRO A 121 8.95 11.16 5.75
N ASP A 122 9.74 12.22 5.61
CA ASP A 122 9.99 13.14 6.71
C ASP A 122 9.30 14.42 6.28
N ARG A 123 9.33 15.45 7.13
CA ARG A 123 8.65 16.70 6.82
C ARG A 123 8.98 17.27 5.44
N GLU A 124 10.26 17.34 5.10
CA GLU A 124 10.65 17.89 3.80
C GLU A 124 10.24 17.02 2.61
N THR A 125 10.27 15.71 2.79
CA THR A 125 9.87 14.79 1.73
C THR A 125 8.42 15.06 1.36
N ALA A 126 7.57 15.13 2.38
CA ALA A 126 6.14 15.37 2.18
C ALA A 126 5.87 16.71 1.49
N ALA A 127 6.53 17.76 1.97
CA ALA A 127 6.33 19.09 1.42
C ALA A 127 6.66 19.20 -0.07
N SER A 128 7.77 18.62 -0.49
CA SER A 128 8.16 18.71 -1.88
C SER A 128 7.45 17.76 -2.84
N LEU A 129 7.03 16.60 -2.33
CA LEU A 129 6.38 15.61 -3.19
C LEU A 129 4.86 15.53 -3.16
N LEU A 130 4.23 15.85 -2.03
CA LEU A 130 2.77 15.79 -1.94
C LEU A 130 2.14 17.05 -2.51
N GLN A 131 2.13 17.13 -3.84
CA GLN A 131 1.58 18.27 -4.55
C GLN A 131 0.66 17.78 -5.67
N ALA A 132 -0.44 18.49 -5.89
CA ALA A 132 -1.38 18.13 -6.94
C ALA A 132 -0.62 18.04 -8.25
N GLY A 133 -0.91 16.99 -9.03
CA GLY A 133 -0.22 16.82 -10.29
C GLY A 133 0.89 15.79 -10.20
N TYR A 134 1.59 15.77 -9.08
CA TYR A 134 2.68 14.81 -8.88
C TYR A 134 2.08 13.41 -8.83
N LYS A 135 2.71 12.47 -9.51
CA LYS A 135 2.21 11.10 -9.54
C LYS A 135 2.89 10.13 -8.59
N GLY A 136 2.09 9.23 -8.04
CA GLY A 136 2.60 8.21 -7.15
C GLY A 136 2.24 6.86 -7.76
N ARG A 137 2.67 5.77 -7.14
CA ARG A 137 2.37 4.45 -7.68
C ARG A 137 1.63 3.59 -6.67
N VAL A 138 0.59 2.90 -7.12
CA VAL A 138 -0.20 2.03 -6.25
C VAL A 138 -0.06 0.62 -6.79
N THR A 139 0.07 -0.35 -5.89
CA THR A 139 0.26 -1.75 -6.26
C THR A 139 -0.59 -2.70 -5.42
N GLY A 140 -0.96 -3.84 -5.99
CA GLY A 140 -1.77 -4.79 -5.24
C GLY A 140 -2.28 -5.97 -6.03
N TRP A 141 -2.87 -6.93 -5.33
CA TRP A 141 -3.43 -8.12 -5.97
C TRP A 141 -4.96 -8.07 -5.92
N GLY A 142 -5.50 -6.88 -5.71
CA GLY A 142 -6.94 -6.70 -5.64
C GLY A 142 -7.64 -6.91 -6.97
N ASN A 143 -8.97 -6.75 -6.97
CA ASN A 143 -9.76 -6.96 -8.17
C ASN A 143 -9.40 -6.06 -9.35
N LEU A 144 -9.56 -6.60 -10.55
CA LEU A 144 -9.26 -5.86 -11.77
C LEU A 144 -10.42 -4.94 -12.16
N LYS A 145 -11.60 -5.21 -11.60
CA LYS A 145 -12.80 -4.42 -11.89
C LYS A 145 -13.71 -4.32 -10.67
N GLU A 146 -14.47 -3.24 -10.59
CA GLU A 146 -15.38 -3.05 -9.46
C GLU A 146 -16.39 -4.20 -9.43
N THR A 147 -16.86 -4.59 -10.60
CA THR A 147 -17.81 -5.68 -10.72
C THR A 147 -17.67 -6.35 -12.07
N TRP A 148 -17.52 -7.68 -12.06
CA TRP A 148 -17.37 -8.44 -13.30
C TRP A 148 -18.42 -9.55 -13.34
N GLY A 155 -11.64 -9.77 -13.69
CA GLY A 155 -11.84 -10.44 -12.42
C GLY A 155 -10.68 -10.26 -11.45
N GLN A 156 -9.80 -11.25 -11.39
CA GLN A 156 -8.65 -11.19 -10.49
C GLN A 156 -7.35 -11.43 -11.23
N PRO A 157 -6.27 -10.72 -10.83
CA PRO A 157 -4.96 -10.83 -11.45
C PRO A 157 -4.19 -12.10 -11.08
N SER A 158 -3.33 -12.54 -11.97
CA SER A 158 -2.52 -13.71 -11.72
C SER A 158 -1.22 -13.22 -11.10
N VAL A 159 -0.89 -11.96 -11.38
CA VAL A 159 0.33 -11.34 -10.89
C VAL A 159 0.10 -9.93 -10.32
N LEU A 160 1.00 -9.48 -9.46
CA LEU A 160 0.92 -8.15 -8.86
C LEU A 160 0.67 -7.08 -9.93
N GLN A 161 -0.28 -6.18 -9.65
CA GLN A 161 -0.62 -5.12 -10.57
C GLN A 161 -0.08 -3.77 -10.11
N VAL A 162 0.21 -2.89 -11.07
CA VAL A 162 0.73 -1.57 -10.79
C VAL A 162 0.04 -0.48 -11.61
N VAL A 163 -0.08 0.70 -11.03
CA VAL A 163 -0.67 1.83 -11.74
C VAL A 163 -0.17 3.14 -11.13
N ASN A 164 0.14 4.09 -12.01
CA ASN A 164 0.61 5.40 -11.55
C ASN A 164 -0.56 6.36 -11.62
N LEU A 165 -0.75 7.13 -10.55
CA LEU A 165 -1.87 8.07 -10.45
C LEU A 165 -1.44 9.42 -9.89
N PRO A 166 -1.98 10.52 -10.44
CA PRO A 166 -1.63 11.85 -9.97
C PRO A 166 -2.40 12.30 -8.72
N ILE A 167 -1.72 13.01 -7.84
CA ILE A 167 -2.35 13.53 -6.63
C ILE A 167 -3.34 14.58 -7.11
N VAL A 168 -4.51 14.64 -6.49
CA VAL A 168 -5.54 15.59 -6.89
C VAL A 168 -5.66 16.77 -5.93
N GLU A 169 -6.01 17.93 -6.47
CA GLU A 169 -6.18 19.13 -5.67
C GLU A 169 -7.20 18.86 -4.57
N ARG A 170 -6.93 19.34 -3.36
CA ARG A 170 -7.82 19.11 -2.22
C ARG A 170 -9.28 19.51 -2.48
N PRO A 171 -9.51 20.68 -3.10
CA PRO A 171 -10.89 21.11 -3.36
C PRO A 171 -11.64 20.14 -4.26
N VAL A 172 -10.94 19.58 -5.25
CA VAL A 172 -11.54 18.63 -6.17
C VAL A 172 -11.88 17.34 -5.42
N CYS A 173 -11.00 16.91 -4.52
CA CYS A 173 -11.24 15.70 -3.73
C CYS A 173 -12.51 15.87 -2.91
N LYS A 174 -12.60 16.99 -2.20
CA LYS A 174 -13.75 17.27 -1.35
C LYS A 174 -15.05 17.37 -2.15
N ASP A 175 -15.00 18.01 -3.31
CA ASP A 175 -16.20 18.17 -4.13
C ASP A 175 -16.63 16.89 -4.86
N SER A 176 -15.85 15.82 -4.73
CA SER A 176 -16.19 14.57 -5.40
C SER A 176 -16.97 13.62 -4.51
N THR A 177 -17.14 13.98 -3.24
CA THR A 177 -17.79 13.08 -2.31
C THR A 177 -18.61 13.80 -1.25
N ARG A 178 -19.51 13.07 -0.59
CA ARG A 178 -20.32 13.65 0.46
C ARG A 178 -19.64 13.37 1.79
N ILE A 179 -18.65 12.47 1.76
CA ILE A 179 -17.91 12.12 2.96
C ILE A 179 -16.96 13.24 3.39
N ARG A 180 -16.80 13.42 4.69
CA ARG A 180 -15.93 14.45 5.23
C ARG A 180 -14.46 14.06 5.10
N ILE A 181 -13.69 14.86 4.35
CA ILE A 181 -12.27 14.60 4.16
C ILE A 181 -11.46 15.33 5.21
N THR A 182 -10.39 14.71 5.71
CA THR A 182 -9.56 15.32 6.74
C THR A 182 -8.13 15.52 6.26
N ASP A 183 -7.34 16.24 7.06
CA ASP A 183 -5.96 16.52 6.71
C ASP A 183 -5.11 15.24 6.74
N ASN A 184 -5.69 14.15 7.27
CA ASN A 184 -4.96 12.89 7.33
C ASN A 184 -5.22 12.01 6.11
N MET A 185 -5.81 12.62 5.08
CA MET A 185 -6.12 11.92 3.83
C MET A 185 -5.75 12.81 2.66
N PHE A 186 -5.50 12.18 1.52
CA PHE A 186 -5.25 12.90 0.29
C PHE A 186 -5.88 12.00 -0.77
N CYS A 187 -6.18 12.51 -1.95
CA CYS A 187 -6.79 11.65 -2.94
C CYS A 187 -5.98 11.70 -4.23
N ALA A 188 -6.10 10.67 -5.04
CA ALA A 188 -5.36 10.61 -6.28
C ALA A 188 -6.18 9.92 -7.35
N GLY A 189 -5.84 10.22 -8.60
CA GLY A 189 -6.55 9.63 -9.72
C GLY A 189 -6.73 10.66 -10.82
N TYR A 190 -7.07 10.19 -12.02
CA TYR A 190 -7.30 11.08 -13.15
C TYR A 190 -8.71 11.66 -13.17
N LYS A 191 -8.84 12.86 -13.71
CA LYS A 191 -10.12 13.53 -13.83
C LYS A 191 -10.80 12.95 -15.06
N PRO A 192 -12.12 13.11 -15.17
CA PRO A 192 -12.83 12.58 -16.33
C PRO A 192 -12.28 13.11 -17.66
N ASP A 193 -11.91 14.39 -17.69
CA ASP A 193 -11.40 15.00 -18.91
C ASP A 193 -9.91 14.77 -19.16
N GLU A 194 -9.28 13.93 -18.35
CA GLU A 194 -7.86 13.65 -18.54
C GLU A 194 -7.64 12.40 -19.40
N GLY A 195 -8.72 11.65 -19.63
CA GLY A 195 -8.63 10.46 -20.46
C GLY A 195 -8.09 9.20 -19.80
N LYS A 196 -6.91 9.31 -19.21
CA LYS A 196 -6.28 8.17 -18.55
C LYS A 196 -7.16 7.66 -17.40
N ARG A 197 -6.97 6.41 -17.02
CA ARG A 197 -7.75 5.82 -15.94
C ARG A 197 -6.89 5.03 -14.97
N GLY A 198 -7.53 4.41 -13.99
CA GLY A 198 -6.79 3.63 -13.01
C GLY A 198 -7.20 3.96 -11.59
N ASP A 199 -7.13 2.96 -10.72
CA ASP A 199 -7.51 3.14 -9.33
C ASP A 199 -7.30 1.83 -8.60
N ALA A 200 -7.29 1.89 -7.27
CA ALA A 200 -7.16 0.68 -6.47
C ALA A 200 -8.58 0.14 -6.37
N CYS A 201 -8.72 -1.12 -5.99
CA CYS A 201 -10.04 -1.72 -5.85
C CYS A 201 -10.04 -2.67 -4.65
N GLU A 202 -11.12 -3.43 -4.49
CA GLU A 202 -11.22 -4.37 -3.38
C GLU A 202 -10.03 -5.31 -3.37
N GLY A 203 -9.39 -5.46 -2.21
CA GLY A 203 -8.24 -6.34 -2.12
C GLY A 203 -6.94 -5.56 -2.11
N ASP A 204 -6.98 -4.33 -2.62
CA ASP A 204 -5.79 -3.48 -2.67
C ASP A 204 -5.63 -2.67 -1.39
N SER A 205 -6.70 -2.61 -0.59
CA SER A 205 -6.70 -1.89 0.68
C SER A 205 -5.46 -2.20 1.50
N GLY A 206 -4.90 -1.17 2.14
CA GLY A 206 -3.73 -1.37 2.98
C GLY A 206 -2.41 -1.32 2.25
N GLY A 207 -2.46 -1.38 0.93
CA GLY A 207 -1.25 -1.34 0.12
C GLY A 207 -0.61 0.04 0.11
N PRO A 208 0.61 0.15 -0.41
CA PRO A 208 1.31 1.44 -0.46
C PRO A 208 1.10 2.30 -1.71
N PHE A 209 1.17 3.61 -1.49
CA PHE A 209 1.11 4.60 -2.56
C PHE A 209 2.51 5.16 -2.42
N VAL A 210 3.38 4.88 -3.38
CA VAL A 210 4.77 5.33 -3.29
C VAL A 210 5.17 6.34 -4.35
N MET A 211 6.22 7.10 -4.04
CA MET A 211 6.74 8.11 -4.96
C MET A 211 8.26 7.99 -4.92
N LYS A 212 8.92 8.27 -6.04
CA LYS A 212 10.37 8.18 -6.05
C LYS A 212 10.96 9.57 -6.01
N SER A 213 11.65 9.89 -4.92
CA SER A 213 12.23 11.21 -4.77
C SER A 213 13.23 11.50 -5.86
N PRO A 214 13.07 12.65 -6.55
CA PRO A 214 14.01 13.01 -7.62
C PRO A 214 15.30 13.58 -7.03
N PHE A 215 15.28 13.81 -5.72
CA PHE A 215 16.43 14.36 -5.01
C PHE A 215 17.44 13.31 -4.60
N ASN A 216 16.97 12.19 -4.04
CA ASN A 216 17.88 11.13 -3.61
C ASN A 216 17.60 9.76 -4.23
N ASN A 217 16.67 9.75 -5.20
CA ASN A 217 16.24 8.56 -5.94
C ASN A 217 15.80 7.36 -5.10
N ARG A 218 15.21 7.65 -3.95
CA ARG A 218 14.70 6.60 -3.07
C ARG A 218 13.19 6.59 -3.13
N TRP A 219 12.61 5.41 -2.96
CA TRP A 219 11.16 5.30 -2.96
C TRP A 219 10.62 5.53 -1.55
N TYR A 220 9.59 6.37 -1.46
CA TYR A 220 8.95 6.72 -0.21
C TYR A 220 7.47 6.37 -0.23
N GLN A 221 6.95 5.80 0.86
CA GLN A 221 5.54 5.48 0.91
C GLN A 221 4.82 6.69 1.48
N MET A 222 4.09 7.40 0.63
CA MET A 222 3.41 8.61 1.07
C MET A 222 2.00 8.35 1.52
N GLY A 223 1.43 7.26 1.04
CA GLY A 223 0.07 6.95 1.43
C GLY A 223 -0.21 5.47 1.57
N ILE A 224 -1.39 5.18 2.11
CA ILE A 224 -1.85 3.81 2.30
C ILE A 224 -3.21 3.75 1.62
N VAL A 225 -3.47 2.72 0.83
CA VAL A 225 -4.76 2.61 0.16
C VAL A 225 -5.81 2.53 1.25
N SER A 226 -6.67 3.54 1.33
CA SER A 226 -7.69 3.62 2.36
C SER A 226 -9.13 3.37 1.91
N TRP A 227 -9.70 4.30 1.17
CA TRP A 227 -11.07 4.09 0.72
C TRP A 227 -11.42 4.78 -0.59
N GLY A 228 -12.56 4.39 -1.13
CA GLY A 228 -13.04 4.97 -2.37
C GLY A 228 -14.49 4.57 -2.54
N GLU A 229 -15.19 5.26 -3.43
CA GLU A 229 -16.58 4.93 -3.69
C GLU A 229 -16.56 4.19 -5.02
N GLY A 230 -16.58 2.86 -4.92
CA GLY A 230 -16.52 2.04 -6.11
C GLY A 230 -15.08 1.96 -6.52
N CYS A 231 -14.83 1.56 -7.77
CA CYS A 231 -13.47 1.44 -8.28
C CYS A 231 -13.40 2.07 -9.67
N ASP A 232 -12.44 2.97 -9.85
CA ASP A 232 -12.22 3.65 -11.13
C ASP A 232 -13.47 4.25 -11.77
N ARG A 233 -14.30 4.90 -10.95
CA ARG A 233 -15.52 5.53 -11.48
C ARG A 233 -15.20 6.97 -11.85
N ASP A 234 -15.76 7.44 -12.96
CA ASP A 234 -15.52 8.81 -13.40
C ASP A 234 -16.00 9.81 -12.36
N GLY A 235 -15.17 10.82 -12.08
CA GLY A 235 -15.56 11.83 -11.11
C GLY A 235 -15.26 11.42 -9.68
N LYS A 236 -14.85 10.18 -9.47
CA LYS A 236 -14.54 9.68 -8.13
C LYS A 236 -13.03 9.53 -8.04
N TYR A 237 -12.49 9.55 -6.82
CA TYR A 237 -11.06 9.41 -6.63
C TYR A 237 -10.75 8.50 -5.47
N GLY A 238 -9.57 7.88 -5.49
CA GLY A 238 -9.19 7.00 -4.41
C GLY A 238 -8.62 7.86 -3.29
N PHE A 239 -8.95 7.51 -2.05
CA PHE A 239 -8.43 8.26 -0.90
C PHE A 239 -7.36 7.45 -0.19
N TYR A 240 -6.32 8.14 0.24
CA TYR A 240 -5.18 7.50 0.88
C TYR A 240 -4.81 8.11 2.22
N THR A 241 -4.36 7.26 3.14
CA THR A 241 -3.93 7.73 4.44
C THR A 241 -2.62 8.49 4.25
N HIS A 242 -2.57 9.70 4.78
CA HIS A 242 -1.41 10.57 4.69
C HIS A 242 -0.35 10.05 5.68
N VAL A 243 0.58 9.25 5.18
CA VAL A 243 1.60 8.65 6.04
C VAL A 243 2.39 9.66 6.88
N PHE A 244 2.87 10.74 6.26
CA PHE A 244 3.64 11.68 7.06
C PHE A 244 2.86 12.30 8.21
N ARG A 245 1.58 12.59 7.99
CA ARG A 245 0.76 13.20 9.02
C ARG A 245 0.59 12.33 10.27
N LEU A 246 0.84 11.02 10.12
CA LEU A 246 0.70 10.10 11.23
C LEU A 246 2.04 9.45 11.64
N LYS A 247 3.14 10.03 11.15
CA LYS A 247 4.45 9.47 11.45
C LYS A 247 4.79 9.51 12.93
N LYS A 248 4.33 10.52 13.64
CA LYS A 248 4.61 10.63 15.07
C LYS A 248 4.09 9.38 15.79
N TRP A 249 2.90 8.93 15.39
CA TRP A 249 2.32 7.75 15.99
C TRP A 249 3.16 6.53 15.62
N ILE A 250 3.57 6.47 14.36
CA ILE A 250 4.39 5.37 13.88
C ILE A 250 5.68 5.23 14.68
N GLN A 251 6.38 6.35 14.87
CA GLN A 251 7.62 6.36 15.62
C GLN A 251 7.40 5.99 17.08
N LYS A 252 6.29 6.49 17.65
CA LYS A 252 5.95 6.21 19.04
C LYS A 252 5.81 4.72 19.28
N VAL A 253 5.06 4.05 18.43
CA VAL A 253 4.87 2.61 18.58
C VAL A 253 6.15 1.84 18.34
N ILE A 254 6.94 2.27 17.35
CA ILE A 254 8.19 1.58 17.06
C ILE A 254 9.24 1.73 18.16
N ASP A 255 9.43 2.95 18.68
CA ASP A 255 10.43 3.06 19.73
C ASP A 255 9.88 2.77 21.12
N GLN A 256 8.74 2.08 21.17
CA GLN A 256 8.14 1.70 22.44
C GLN A 256 8.11 0.17 22.54
N PHE A 257 7.71 -0.50 21.47
CA PHE A 257 7.66 -1.97 21.47
C PHE A 257 8.61 -2.55 20.44
N GLY A 258 9.36 -1.69 19.76
CA GLY A 258 10.30 -2.16 18.77
C GLY A 258 11.32 -3.11 19.36
N GLU A 259 12.00 -2.73 20.33
N ASP B 3 -8.97 -20.08 -5.97
CA ASP B 3 -8.39 -20.40 -4.63
C ASP B 3 -6.86 -20.33 -4.68
N PHE B 4 -6.24 -20.36 -3.50
CA PHE B 4 -4.80 -20.28 -3.39
C PHE B 4 -4.11 -21.64 -3.24
N GLU B 5 -2.85 -21.69 -3.63
CA GLU B 5 -2.08 -22.92 -3.49
C GLU B 5 -1.75 -23.08 -2.01
N GLU B 6 -1.88 -24.30 -1.50
CA GLU B 6 -1.61 -24.56 -0.09
C GLU B 6 -0.18 -24.18 0.29
N ILE B 7 -0.01 -23.68 1.51
CA ILE B 7 1.30 -23.29 2.01
C ILE B 7 1.74 -24.33 3.04
N PRO B 8 3.04 -24.38 3.37
CA PRO B 8 3.56 -25.33 4.35
C PRO B 8 3.57 -24.88 5.82
N GLU B 9 4.45 -25.51 6.60
CA GLU B 9 4.70 -25.29 8.04
C GLU B 9 4.13 -24.05 8.74
N TYR B 11 3.99 -22.96 8.00
CA TYR B 11 3.48 -21.71 8.55
C TYR B 11 2.07 -21.78 9.13
N LEU B 12 1.60 -20.73 9.62
N ALA C 7 19.67 5.29 5.47
CA ALA C 7 19.45 3.82 5.47
C ALA C 7 19.63 3.29 4.06
N ASP C 8 19.10 2.10 3.82
CA ASP C 8 19.19 1.49 2.50
C ASP C 8 17.75 1.36 2.00
N CYS C 9 16.81 1.89 2.79
CA CYS C 9 15.40 1.84 2.43
C CYS C 9 15.13 2.48 1.09
N GLY C 10 14.11 1.98 0.40
CA GLY C 10 13.71 2.55 -0.87
C GLY C 10 14.62 2.40 -2.06
N LEU C 11 15.66 1.59 -1.94
CA LEU C 11 16.58 1.37 -3.06
C LEU C 11 16.40 -0.10 -3.43
N ARG C 12 15.74 -0.35 -4.56
CA ARG C 12 15.45 -1.71 -4.99
C ARG C 12 16.65 -2.48 -5.51
N PRO C 13 16.86 -3.70 -4.99
CA PRO C 13 17.97 -4.55 -5.42
C PRO C 13 18.06 -4.76 -6.92
N LEU C 14 16.91 -4.95 -7.58
CA LEU C 14 16.91 -5.19 -9.02
C LEU C 14 16.78 -3.95 -9.87
N PHE C 15 16.73 -2.78 -9.24
CA PHE C 15 16.62 -1.56 -10.02
C PHE C 15 17.63 -0.51 -9.59
N GLU C 16 17.33 0.31 -8.59
CA GLU C 16 18.28 1.33 -8.16
C GLU C 16 19.68 0.78 -7.88
N LYS C 17 19.76 -0.33 -7.14
CA LYS C 17 21.04 -0.92 -6.80
C LYS C 17 21.90 -1.31 -8.00
N LYS C 18 21.26 -1.57 -9.13
CA LYS C 18 21.97 -1.97 -10.36
C LYS C 18 21.86 -0.87 -11.40
N SER C 19 21.34 0.28 -10.96
CA SER C 19 21.14 1.42 -11.85
C SER C 19 20.30 1.06 -13.08
N LEU C 20 19.26 0.26 -12.86
CA LEU C 20 18.33 -0.12 -13.92
C LEU C 20 17.02 0.58 -13.56
N GLU C 21 16.25 0.97 -14.57
CA GLU C 21 14.98 1.65 -14.34
C GLU C 21 13.83 0.75 -14.73
N ASP C 22 12.71 0.85 -14.02
CA ASP C 22 11.55 0.03 -14.39
C ASP C 22 10.85 0.74 -15.55
N LYS C 23 9.85 0.10 -16.14
CA LYS C 23 9.17 0.67 -17.31
C LYS C 23 8.31 1.92 -17.19
N THR C 24 7.87 2.30 -15.99
CA THR C 24 7.03 3.48 -15.88
C THR C 24 7.54 4.53 -14.89
N GLU C 25 8.72 4.29 -14.35
CA GLU C 25 9.38 5.22 -13.42
C GLU C 25 9.41 6.64 -13.97
N ARG C 26 9.76 6.72 -15.25
CA ARG C 26 9.87 7.97 -15.97
C ARG C 26 8.61 8.82 -15.87
N GLU C 27 7.45 8.17 -15.95
CA GLU C 27 6.18 8.90 -15.86
C GLU C 27 6.06 9.67 -14.56
N LEU C 28 6.54 9.08 -13.47
CA LEU C 28 6.52 9.74 -12.17
C LEU C 28 7.45 10.94 -12.21
N LEU C 29 8.68 10.71 -12.66
CA LEU C 29 9.67 11.78 -12.72
C LEU C 29 9.20 12.96 -13.55
N GLU C 30 8.60 12.69 -14.70
CA GLU C 30 8.14 13.77 -15.57
C GLU C 30 7.02 14.59 -14.93
N SER C 31 6.36 14.02 -13.91
CA SER C 31 5.27 14.73 -13.24
C SER C 31 5.79 15.61 -12.10
N TYR C 32 7.03 15.40 -11.70
CA TYR C 32 7.61 16.17 -10.61
C TYR C 32 8.28 17.44 -11.11
N ILE C 33 9.44 17.36 -11.58
#